data_8JDB
#
_entry.id   8JDB
#
_cell.length_a   81.064
_cell.length_b   103.112
_cell.length_c   122.104
_cell.angle_alpha   90.00
_cell.angle_beta   90.00
_cell.angle_gamma   90.00
#
_symmetry.space_group_name_H-M   'I 2 2 2'
#
loop_
_entity.id
_entity.type
_entity.pdbx_description
1 polymer 'Probable D-lactate dehydrogenase, mitochondrial'
2 non-polymer 'FLAVIN-ADENINE DINUCLEOTIDE'
3 non-polymer '(2R)-2-oxidanyloctanoic acid'
4 water water
#
_entity_poly.entity_id   1
_entity_poly.type   'polypeptide(L)'
_entity_poly.pdbx_seq_one_letter_code
;WSHPQFEKGSQGGLSQDFVEALKAVVGSPHVSTASAVREQHGHDESMHRCQPPDAVVWPQNVDQVSRVASLCYNQGVPII
PFGTGTGVEGGVCAVQGGVCINLTHMDQITELNTEDFSVVVEPGVTRKALNTHLRDSGLWFPVDPGADASLCGMAATGAS
GTNAVRYGTMRDNVINLEVVLPDGRLLHTAGRGRHYRKSAAGYNLTGLFVGSEGTLGIITSTTLRLHPAPEATVAATCAF
PSVQAAVDSTVQILQAAVPVARIEFLDDVMMDACNRHSKLNCPVAPTLFLEFHGSQQTLAEQLQRTEAITQDNGGSHFSW
AKEAEKRNELWAARHNAWYAALALSPGSKAYSTDVCVPISRLPEILVETKEEIKASKLTGAIVGHVGDGNFACILLVDPD
DAEEQRRVKAFAENLGRRALALGGTCTGEHGIGLGKRQLLQEEVGPVGVETMRQLKNTLDPRGLMNPGKVL
;
_entity_poly.pdbx_strand_id   A
#
loop_
_chem_comp.id
_chem_comp.type
_chem_comp.name
_chem_comp.formula
FAD non-polymer 'FLAVIN-ADENINE DINUCLEOTIDE' 'C27 H33 N9 O15 P2'
UIT non-polymer '(2R)-2-oxidanyloctanoic acid' 'C8 H16 O3'
#
# COMPACT_ATOMS: atom_id res chain seq x y z
N LEU A 14 -16.89 -27.59 2.86
CA LEU A 14 -15.80 -28.00 1.99
C LEU A 14 -15.46 -29.49 2.24
N SER A 15 -15.51 -30.32 1.20
CA SER A 15 -15.54 -31.77 1.39
C SER A 15 -14.17 -32.31 1.82
N GLN A 16 -14.18 -33.45 2.52
CA GLN A 16 -12.89 -33.96 2.96
C GLN A 16 -12.11 -34.60 1.82
N ASP A 17 -12.78 -35.03 0.75
CA ASP A 17 -12.05 -35.41 -0.46
C ASP A 17 -11.27 -34.23 -1.02
N PHE A 18 -11.89 -33.06 -1.04
CA PHE A 18 -11.19 -31.87 -1.50
C PHE A 18 -10.02 -31.53 -0.58
N VAL A 19 -10.22 -31.64 0.73
CA VAL A 19 -9.15 -31.31 1.66
C VAL A 19 -7.98 -32.27 1.48
N GLU A 20 -8.27 -33.56 1.29
CA GLU A 20 -7.20 -34.52 1.05
C GLU A 20 -6.45 -34.21 -0.24
N ALA A 21 -7.15 -33.69 -1.25
CA ALA A 21 -6.46 -33.33 -2.48
C ALA A 21 -5.51 -32.17 -2.27
N LEU A 22 -5.91 -31.19 -1.45
CA LEU A 22 -5.00 -30.10 -1.10
C LEU A 22 -3.77 -30.62 -0.36
N LYS A 23 -3.98 -31.51 0.62
CA LYS A 23 -2.85 -32.06 1.36
C LYS A 23 -1.93 -32.88 0.46
N ALA A 24 -2.48 -33.52 -0.57
CA ALA A 24 -1.64 -34.26 -1.52
C ALA A 24 -0.69 -33.33 -2.26
N VAL A 25 -1.06 -32.06 -2.43
CA VAL A 25 -0.18 -31.12 -3.13
C VAL A 25 0.88 -30.56 -2.20
N VAL A 26 0.46 -30.00 -1.07
CA VAL A 26 1.37 -29.18 -0.26
C VAL A 26 1.87 -29.91 0.98
N GLY A 27 1.28 -31.05 1.35
CA GLY A 27 1.64 -31.71 2.58
C GLY A 27 0.66 -31.41 3.69
N SER A 28 0.34 -32.42 4.49
CA SER A 28 -0.64 -32.27 5.57
C SER A 28 -0.35 -31.07 6.50
N PRO A 29 0.87 -30.81 6.94
CA PRO A 29 1.07 -29.66 7.84
C PRO A 29 0.75 -28.31 7.22
N HIS A 30 0.65 -28.23 5.89
CA HIS A 30 0.49 -26.97 5.19
C HIS A 30 -0.95 -26.73 4.73
N VAL A 31 -1.90 -27.50 5.24
CA VAL A 31 -3.34 -27.29 5.04
C VAL A 31 -4.00 -27.22 6.40
N SER A 32 -4.83 -26.22 6.62
CA SER A 32 -5.57 -26.16 7.87
C SER A 32 -7.02 -25.77 7.64
N THR A 33 -7.93 -26.53 8.25
CA THR A 33 -9.35 -26.18 8.30
C THR A 33 -9.78 -25.77 9.71
N ALA A 34 -8.84 -25.51 10.61
CA ALA A 34 -9.18 -25.12 11.97
C ALA A 34 -9.75 -23.71 12.01
N SER A 35 -10.82 -23.53 12.79
CA SER A 35 -11.50 -22.24 12.83
C SER A 35 -10.56 -21.11 13.22
N ALA A 36 -9.71 -21.32 14.24
CA ALA A 36 -8.86 -20.23 14.69
C ALA A 36 -7.89 -19.81 13.59
N VAL A 37 -7.32 -20.79 12.89
CA VAL A 37 -6.37 -20.51 11.82
C VAL A 37 -7.07 -19.80 10.67
N ARG A 38 -8.27 -20.27 10.32
CA ARG A 38 -9.04 -19.60 9.26
C ARG A 38 -9.42 -18.18 9.67
N GLU A 39 -9.81 -17.98 10.93
CA GLU A 39 -10.19 -16.64 11.37
C GLU A 39 -9.01 -15.67 11.27
N GLN A 40 -7.82 -16.13 11.62
CA GLN A 40 -6.64 -15.27 11.52
C GLN A 40 -6.35 -14.85 10.08
N HIS A 41 -6.85 -15.61 9.10
CA HIS A 41 -6.62 -15.34 7.70
C HIS A 41 -7.84 -14.77 7.01
N GLY A 42 -8.86 -14.38 7.78
CA GLY A 42 -10.09 -13.84 7.21
C GLY A 42 -10.19 -12.34 7.28
N HIS A 43 -9.13 -11.65 7.70
CA HIS A 43 -9.19 -10.21 7.84
C HIS A 43 -7.81 -9.64 7.60
N ASP A 44 -7.77 -8.34 7.37
CA ASP A 44 -6.49 -7.64 7.28
C ASP A 44 -6.42 -6.63 8.41
N GLU A 45 -5.71 -5.52 8.21
CA GLU A 45 -5.61 -4.54 9.28
C GLU A 45 -6.75 -3.53 9.28
N SER A 46 -7.68 -3.63 8.33
CA SER A 46 -8.84 -2.75 8.20
C SER A 46 -9.96 -3.17 9.15
N MET A 47 -10.96 -2.28 9.27
CA MET A 47 -12.19 -2.55 10.00
C MET A 47 -13.01 -3.69 9.41
N HIS A 48 -12.82 -4.03 8.13
CA HIS A 48 -13.74 -4.94 7.45
C HIS A 48 -13.92 -6.22 8.25
N ARG A 49 -15.18 -6.62 8.43
CA ARG A 49 -15.48 -7.73 9.32
C ARG A 49 -14.78 -8.99 8.84
N CYS A 50 -14.24 -9.74 9.80
CA CYS A 50 -13.56 -10.98 9.45
C CYS A 50 -14.52 -11.94 8.75
N GLN A 51 -14.08 -12.45 7.59
CA GLN A 51 -14.86 -13.47 6.87
C GLN A 51 -13.89 -14.62 6.59
N PRO A 52 -13.93 -15.67 7.41
CA PRO A 52 -12.88 -16.69 7.38
C PRO A 52 -13.00 -17.56 6.14
N PRO A 53 -11.86 -17.88 5.50
CA PRO A 53 -11.87 -18.88 4.43
C PRO A 53 -12.24 -20.23 5.00
N ASP A 54 -12.58 -21.15 4.09
CA ASP A 54 -12.88 -22.52 4.50
C ASP A 54 -11.62 -23.32 4.80
N ALA A 55 -10.48 -22.91 4.28
CA ALA A 55 -9.20 -23.55 4.56
C ALA A 55 -8.09 -22.55 4.28
N VAL A 56 -6.95 -22.76 4.92
CA VAL A 56 -5.71 -22.04 4.62
C VAL A 56 -4.68 -23.04 4.13
N VAL A 57 -3.99 -22.69 3.04
CA VAL A 57 -3.00 -23.56 2.42
C VAL A 57 -1.71 -22.77 2.24
N TRP A 58 -0.57 -23.40 2.55
CA TRP A 58 0.75 -22.78 2.43
C TRP A 58 1.56 -23.54 1.38
N PRO A 59 1.50 -23.13 0.11
CA PRO A 59 2.33 -23.81 -0.88
C PRO A 59 3.81 -23.54 -0.66
N GLN A 60 4.63 -24.55 -0.98
CA GLN A 60 6.06 -24.48 -0.71
C GLN A 60 6.89 -24.12 -1.93
N ASN A 61 6.30 -24.15 -3.12
CA ASN A 61 6.99 -23.77 -4.34
C ASN A 61 5.94 -23.47 -5.39
N VAL A 62 6.40 -22.94 -6.53
CA VAL A 62 5.45 -22.45 -7.53
C VAL A 62 4.69 -23.59 -8.19
N ASP A 63 5.32 -24.76 -8.35
CA ASP A 63 4.57 -25.92 -8.81
C ASP A 63 3.36 -26.20 -7.92
N GLN A 64 3.55 -26.13 -6.61
CA GLN A 64 2.44 -26.33 -5.70
C GLN A 64 1.40 -25.21 -5.82
N VAL A 65 1.82 -23.96 -6.01
CA VAL A 65 0.84 -22.90 -6.19
C VAL A 65 -0.03 -23.21 -7.40
N SER A 66 0.61 -23.60 -8.49
CA SER A 66 -0.12 -23.93 -9.71
C SER A 66 -1.12 -25.06 -9.48
N ARG A 67 -0.69 -26.10 -8.77
CA ARG A 67 -1.56 -27.26 -8.58
C ARG A 67 -2.69 -26.98 -7.59
N VAL A 68 -2.45 -26.13 -6.58
CA VAL A 68 -3.53 -25.71 -5.70
C VAL A 68 -4.54 -24.86 -6.47
N ALA A 69 -4.05 -23.91 -7.26
CA ALA A 69 -4.96 -23.07 -8.05
C ALA A 69 -5.81 -23.92 -8.97
N SER A 70 -5.18 -24.83 -9.71
CA SER A 70 -5.93 -25.67 -10.66
C SER A 70 -6.97 -26.50 -9.94
N LEU A 71 -6.61 -27.08 -8.80
CA LEU A 71 -7.56 -27.86 -8.03
C LEU A 71 -8.76 -27.01 -7.60
N CYS A 72 -8.50 -25.82 -7.04
CA CYS A 72 -9.59 -24.95 -6.61
C CYS A 72 -10.43 -24.51 -7.79
N TYR A 73 -9.77 -24.02 -8.84
CA TYR A 73 -10.48 -23.45 -9.98
C TYR A 73 -11.43 -24.46 -10.60
N ASN A 74 -10.93 -25.65 -10.91
CA ASN A 74 -11.75 -26.69 -11.53
C ASN A 74 -12.85 -27.20 -10.63
N GLN A 75 -12.70 -27.10 -9.33
CA GLN A 75 -13.74 -27.54 -8.41
C GLN A 75 -14.71 -26.43 -8.04
N GLY A 76 -14.56 -25.23 -8.60
CA GLY A 76 -15.45 -24.15 -8.27
C GLY A 76 -15.26 -23.58 -6.88
N VAL A 77 -14.04 -23.62 -6.36
CA VAL A 77 -13.71 -23.15 -5.01
C VAL A 77 -12.96 -21.82 -5.14
N PRO A 78 -13.43 -20.74 -4.50
CA PRO A 78 -12.73 -19.46 -4.59
C PRO A 78 -11.33 -19.55 -4.03
N ILE A 79 -10.45 -18.70 -4.56
CA ILE A 79 -9.05 -18.61 -4.18
C ILE A 79 -8.80 -17.21 -3.64
N ILE A 80 -8.18 -17.12 -2.46
CA ILE A 80 -7.86 -15.80 -1.90
C ILE A 80 -6.36 -15.73 -1.63
N PRO A 81 -5.59 -15.01 -2.43
CA PRO A 81 -4.16 -14.88 -2.14
C PRO A 81 -3.96 -14.10 -0.87
N PHE A 82 -2.96 -14.49 -0.09
CA PHE A 82 -2.71 -13.88 1.22
C PHE A 82 -1.22 -13.68 1.34
N GLY A 83 -0.80 -12.44 1.58
CA GLY A 83 0.62 -12.17 1.79
C GLY A 83 0.90 -12.02 3.28
N THR A 84 1.04 -10.78 3.74
CA THR A 84 1.22 -10.52 5.15
C THR A 84 -0.03 -9.98 5.83
N GLY A 85 -1.15 -9.88 5.12
CA GLY A 85 -2.41 -9.48 5.72
C GLY A 85 -2.43 -8.08 6.30
N THR A 86 -1.63 -7.17 5.76
CA THR A 86 -1.58 -5.78 6.22
C THR A 86 -2.42 -4.84 5.36
N GLY A 87 -3.23 -5.37 4.45
CA GLY A 87 -3.99 -4.53 3.54
C GLY A 87 -5.08 -3.74 4.24
N VAL A 88 -5.69 -2.85 3.46
CA VAL A 88 -6.54 -1.78 3.96
C VAL A 88 -8.01 -1.94 3.61
N GLU A 89 -8.35 -2.76 2.61
CA GLU A 89 -9.71 -2.74 2.07
C GLU A 89 -10.36 -4.12 2.08
N GLY A 90 -9.95 -4.99 2.99
CA GLY A 90 -10.58 -6.30 3.09
C GLY A 90 -10.24 -7.21 1.93
N GLY A 91 -9.08 -7.00 1.31
CA GLY A 91 -8.72 -7.82 0.17
C GLY A 91 -8.67 -9.30 0.47
N VAL A 92 -8.28 -9.68 1.70
CA VAL A 92 -8.19 -11.08 2.06
C VAL A 92 -9.47 -11.61 2.71
N CYS A 93 -10.51 -10.79 2.87
CA CYS A 93 -11.75 -11.29 3.43
C CYS A 93 -12.39 -12.30 2.49
N ALA A 94 -12.72 -13.49 3.01
CA ALA A 94 -13.22 -14.55 2.14
C ALA A 94 -14.74 -14.45 2.05
N VAL A 95 -15.19 -13.48 1.25
CA VAL A 95 -16.61 -13.15 1.24
C VAL A 95 -17.45 -14.29 0.64
N GLN A 96 -16.85 -15.16 -0.18
CA GLN A 96 -17.55 -16.35 -0.68
C GLN A 96 -16.91 -17.64 -0.16
N GLY A 97 -16.19 -17.58 0.97
CA GLY A 97 -15.49 -18.74 1.46
C GLY A 97 -14.33 -19.07 0.53
N GLY A 98 -13.93 -20.34 0.54
CA GLY A 98 -12.91 -20.83 -0.36
C GLY A 98 -11.59 -21.10 0.33
N VAL A 99 -10.53 -21.13 -0.47
CA VAL A 99 -9.19 -21.50 -0.02
C VAL A 99 -8.33 -20.25 0.02
N CYS A 100 -7.81 -19.92 1.20
CA CYS A 100 -6.85 -18.85 1.39
C CYS A 100 -5.46 -19.42 1.16
N ILE A 101 -4.72 -18.84 0.22
CA ILE A 101 -3.38 -19.33 -0.13
C ILE A 101 -2.40 -18.36 0.50
N ASN A 102 -1.77 -18.78 1.60
CA ASN A 102 -0.74 -17.99 2.25
C ASN A 102 0.58 -18.30 1.57
N LEU A 103 1.18 -17.28 0.96
CA LEU A 103 2.32 -17.48 0.07
C LEU A 103 3.65 -17.29 0.76
N THR A 104 3.66 -17.06 2.08
CA THR A 104 4.88 -16.52 2.69
C THR A 104 5.94 -17.57 2.98
N HIS A 105 5.67 -18.86 2.79
CA HIS A 105 6.77 -19.81 2.96
C HIS A 105 7.72 -19.81 1.77
N MET A 106 7.33 -19.23 0.65
CA MET A 106 8.24 -19.00 -0.47
C MET A 106 8.90 -17.67 -0.15
N ASP A 107 10.10 -17.71 0.43
CA ASP A 107 10.67 -16.49 0.99
C ASP A 107 12.10 -16.24 0.52
N GLN A 108 12.45 -16.69 -0.68
CA GLN A 108 13.81 -16.58 -1.17
C GLN A 108 14.00 -15.35 -2.04
N ILE A 109 15.16 -14.73 -1.90
CA ILE A 109 15.65 -13.70 -2.83
C ILE A 109 16.53 -14.37 -3.85
N THR A 110 16.31 -14.08 -5.13
CA THR A 110 17.10 -14.68 -6.20
C THR A 110 17.47 -13.64 -7.25
N GLU A 111 18.35 -14.06 -8.16
CA GLU A 111 18.68 -13.28 -9.34
C GLU A 111 19.09 -11.86 -8.96
N LEU A 112 19.84 -11.71 -7.87
CA LEU A 112 20.33 -10.38 -7.53
C LEU A 112 21.33 -9.95 -8.59
N ASN A 113 21.00 -8.92 -9.35
CA ASN A 113 21.87 -8.39 -10.40
C ASN A 113 22.21 -6.96 -10.00
N THR A 114 23.23 -6.80 -9.16
CA THR A 114 23.57 -5.45 -8.71
C THR A 114 24.01 -4.57 -9.87
N GLU A 115 24.75 -5.14 -10.82
CA GLU A 115 25.20 -4.36 -11.97
C GLU A 115 24.06 -3.83 -12.82
N ASP A 116 22.90 -4.48 -12.79
CA ASP A 116 21.73 -4.06 -13.55
C ASP A 116 20.68 -3.39 -12.67
N PHE A 117 20.94 -3.28 -11.36
CA PHE A 117 19.99 -2.71 -10.41
C PHE A 117 18.66 -3.45 -10.43
N SER A 118 18.71 -4.78 -10.29
CA SER A 118 17.48 -5.56 -10.25
C SER A 118 17.65 -6.78 -9.33
N VAL A 119 16.51 -7.32 -8.90
CA VAL A 119 16.49 -8.48 -8.01
C VAL A 119 15.12 -9.14 -8.15
N VAL A 120 15.06 -10.44 -7.85
CA VAL A 120 13.80 -11.19 -7.88
C VAL A 120 13.47 -11.66 -6.46
N VAL A 121 12.22 -11.44 -6.03
CA VAL A 121 11.81 -11.80 -4.68
C VAL A 121 10.53 -12.64 -4.72
N GLU A 122 10.47 -13.63 -3.83
CA GLU A 122 9.28 -14.46 -3.61
C GLU A 122 8.37 -13.80 -2.57
N PRO A 123 7.11 -14.26 -2.44
CA PRO A 123 6.14 -13.50 -1.62
C PRO A 123 6.48 -13.39 -0.15
N GLY A 124 7.27 -14.31 0.40
CA GLY A 124 7.62 -14.17 1.81
C GLY A 124 8.71 -13.15 2.11
N VAL A 125 9.33 -12.56 1.08
CA VAL A 125 10.33 -11.52 1.29
C VAL A 125 9.62 -10.20 1.57
N THR A 126 9.94 -9.58 2.70
CA THR A 126 9.48 -8.24 3.00
C THR A 126 10.53 -7.20 2.59
N ARG A 127 10.13 -5.93 2.60
CA ARG A 127 11.09 -4.88 2.27
C ARG A 127 12.27 -4.87 3.24
N LYS A 128 12.01 -5.08 4.53
CA LYS A 128 13.11 -5.07 5.49
C LYS A 128 14.08 -6.21 5.22
N ALA A 129 13.55 -7.39 4.89
CA ALA A 129 14.43 -8.51 4.55
C ALA A 129 15.30 -8.20 3.34
N LEU A 130 14.68 -7.64 2.29
CA LEU A 130 15.44 -7.31 1.09
C LEU A 130 16.53 -6.29 1.40
N ASN A 131 16.17 -5.21 2.09
CA ASN A 131 17.15 -4.17 2.33
C ASN A 131 18.25 -4.63 3.27
N THR A 132 17.94 -5.54 4.19
CA THR A 132 18.97 -6.16 5.02
C THR A 132 19.90 -7.03 4.19
N HIS A 133 19.33 -7.81 3.26
CA HIS A 133 20.15 -8.59 2.35
C HIS A 133 21.08 -7.71 1.52
N LEU A 134 20.67 -6.46 1.28
CA LEU A 134 21.37 -5.56 0.38
C LEU A 134 22.36 -4.63 1.06
N ARG A 135 22.48 -4.61 2.38
CA ARG A 135 23.39 -3.59 2.93
C ARG A 135 24.82 -4.03 2.65
N ASP A 136 25.67 -3.05 2.35
CA ASP A 136 27.04 -3.20 1.85
C ASP A 136 27.03 -3.44 0.34
N SER A 137 25.86 -3.52 -0.30
CA SER A 137 25.81 -3.52 -1.75
C SER A 137 25.83 -2.12 -2.34
N GLY A 138 25.47 -1.11 -1.56
CA GLY A 138 25.28 0.22 -2.09
C GLY A 138 23.95 0.42 -2.80
N LEU A 139 23.07 -0.58 -2.77
CA LEU A 139 21.75 -0.51 -3.37
C LEU A 139 20.68 -0.66 -2.29
N TRP A 140 19.47 -0.20 -2.59
CA TRP A 140 18.34 -0.37 -1.68
C TRP A 140 17.06 -0.39 -2.50
N PHE A 141 16.00 -0.91 -1.90
CA PHE A 141 14.68 -0.86 -2.50
C PHE A 141 13.85 0.20 -1.78
N PRO A 142 13.36 1.22 -2.49
CA PRO A 142 12.82 2.41 -1.80
C PRO A 142 11.33 2.40 -1.42
N VAL A 143 10.48 1.59 -2.04
CA VAL A 143 9.04 1.75 -1.82
C VAL A 143 8.69 1.23 -0.43
N ASP A 144 8.21 2.13 0.43
CA ASP A 144 8.19 1.87 1.88
C ASP A 144 6.83 2.14 2.53
N PRO A 145 5.86 1.25 2.33
CA PRO A 145 4.66 1.28 3.19
C PRO A 145 5.06 1.11 4.65
N GLY A 146 4.23 1.65 5.53
CA GLY A 146 4.57 1.64 6.94
C GLY A 146 4.72 0.25 7.54
N ALA A 147 3.94 -0.71 7.08
CA ALA A 147 4.01 -2.07 7.58
C ALA A 147 5.07 -2.82 6.81
N ASP A 148 5.70 -3.80 7.45
CA ASP A 148 6.74 -4.53 6.72
C ASP A 148 6.00 -5.63 5.98
N ALA A 149 5.49 -5.27 4.81
CA ALA A 149 4.60 -6.11 4.03
C ALA A 149 5.37 -6.98 3.04
N SER A 150 4.73 -8.06 2.61
CA SER A 150 5.19 -8.83 1.46
C SER A 150 5.40 -7.94 0.25
N LEU A 151 6.58 -8.04 -0.38
CA LEU A 151 6.83 -7.25 -1.59
C LEU A 151 5.94 -7.68 -2.74
N CYS A 152 5.60 -8.96 -2.83
CA CYS A 152 4.63 -9.38 -3.83
C CYS A 152 3.24 -8.87 -3.49
N GLY A 153 2.89 -8.78 -2.20
CA GLY A 153 1.62 -8.17 -1.83
C GLY A 153 1.60 -6.70 -2.20
N MET A 154 2.73 -6.02 -2.01
CA MET A 154 2.86 -4.64 -2.45
C MET A 154 2.69 -4.49 -3.95
N ALA A 155 3.25 -5.41 -4.74
CA ALA A 155 2.99 -5.40 -6.17
C ALA A 155 1.50 -5.62 -6.44
N ALA A 156 0.87 -6.54 -5.71
CA ALA A 156 -0.55 -6.82 -5.93
C ALA A 156 -1.43 -5.62 -5.63
N THR A 157 -1.10 -4.83 -4.60
CA THR A 157 -1.95 -3.69 -4.28
C THR A 157 -1.56 -2.41 -5.00
N GLY A 158 -0.41 -2.38 -5.65
CA GLY A 158 0.06 -1.13 -6.27
C GLY A 158 0.56 -0.14 -5.23
N ALA A 159 1.25 -0.61 -4.20
CA ALA A 159 1.59 0.21 -3.04
C ALA A 159 2.53 1.37 -3.40
N SER A 160 2.52 2.38 -2.54
CA SER A 160 3.62 3.35 -2.59
C SER A 160 4.14 3.53 -1.17
N GLY A 161 4.72 4.69 -0.88
CA GLY A 161 5.30 4.89 0.44
C GLY A 161 5.85 6.30 0.53
N THR A 162 6.55 6.61 1.63
CA THR A 162 7.11 7.96 1.77
C THR A 162 8.16 8.26 0.69
N ASN A 163 8.91 7.25 0.24
CA ASN A 163 9.94 7.51 -0.75
C ASN A 163 9.41 7.65 -2.18
N ALA A 164 8.10 7.45 -2.41
CA ALA A 164 7.63 7.36 -3.80
C ALA A 164 7.74 8.69 -4.52
N VAL A 165 7.61 9.81 -3.79
CA VAL A 165 7.65 11.13 -4.44
C VAL A 165 8.92 11.30 -5.25
N ARG A 166 10.01 10.66 -4.83
CA ARG A 166 11.27 10.74 -5.57
C ARG A 166 11.58 9.45 -6.33
N TYR A 167 11.32 8.29 -5.73
CA TYR A 167 11.83 7.03 -6.26
C TYR A 167 10.76 6.17 -6.91
N GLY A 168 9.51 6.60 -6.90
CA GLY A 168 8.44 5.92 -7.63
C GLY A 168 7.63 4.96 -6.77
N THR A 169 6.48 4.54 -7.32
CA THR A 169 5.59 3.58 -6.67
C THR A 169 5.98 2.15 -7.06
N MET A 170 5.23 1.15 -6.59
CA MET A 170 5.45 -0.20 -7.11
C MET A 170 5.29 -0.24 -8.63
N ARG A 171 4.35 0.53 -9.17
CA ARG A 171 4.16 0.51 -10.62
C ARG A 171 5.43 1.00 -11.34
N ASP A 172 6.12 1.96 -10.75
CA ASP A 172 7.37 2.43 -11.35
C ASP A 172 8.52 1.46 -11.16
N ASN A 173 8.48 0.62 -10.14
CA ASN A 173 9.64 -0.17 -9.76
C ASN A 173 9.46 -1.67 -9.94
N VAL A 174 8.33 -2.12 -10.49
CA VAL A 174 8.14 -3.52 -10.84
C VAL A 174 8.45 -3.69 -12.33
N ILE A 175 9.46 -4.51 -12.63
CA ILE A 175 9.96 -4.71 -14.00
C ILE A 175 9.48 -6.03 -14.61
N ASN A 176 9.06 -6.97 -13.79
CA ASN A 176 8.56 -8.26 -14.26
C ASN A 176 7.80 -8.91 -13.11
N LEU A 177 6.86 -9.78 -13.44
CA LEU A 177 6.09 -10.51 -12.44
C LEU A 177 5.97 -11.96 -12.89
N GLU A 178 6.10 -12.89 -11.96
CA GLU A 178 5.73 -14.27 -12.19
C GLU A 178 4.35 -14.48 -11.58
N VAL A 179 3.39 -14.92 -12.37
CA VAL A 179 2.00 -14.99 -11.95
C VAL A 179 1.45 -16.38 -12.25
N VAL A 180 0.87 -17.01 -11.25
CA VAL A 180 0.08 -18.22 -11.48
C VAL A 180 -1.33 -17.76 -11.79
N LEU A 181 -1.78 -17.99 -13.03
CA LEU A 181 -3.13 -17.60 -13.43
C LEU A 181 -4.16 -18.47 -12.73
N PRO A 182 -5.43 -18.04 -12.70
CA PRO A 182 -6.42 -18.74 -11.87
C PRO A 182 -6.54 -20.22 -12.16
N ASP A 183 -6.38 -20.65 -13.40
CA ASP A 183 -6.48 -22.06 -13.72
C ASP A 183 -5.14 -22.80 -13.58
N GLY A 184 -4.11 -22.13 -13.06
CA GLY A 184 -2.84 -22.77 -12.77
C GLY A 184 -1.73 -22.51 -13.77
N ARG A 185 -2.01 -21.91 -14.93
CA ARG A 185 -0.94 -21.66 -15.88
C ARG A 185 0.06 -20.65 -15.32
N LEU A 186 1.31 -20.79 -15.71
CA LEU A 186 2.38 -19.92 -15.22
C LEU A 186 2.75 -18.87 -16.29
N LEU A 187 2.58 -17.61 -15.94
CA LEU A 187 2.89 -16.46 -16.79
C LEU A 187 4.06 -15.68 -16.21
N HIS A 188 5.04 -15.38 -17.03
CA HIS A 188 6.03 -14.35 -16.69
C HIS A 188 5.66 -13.14 -17.53
N THR A 189 5.19 -12.07 -16.87
CA THR A 189 4.48 -11.02 -17.60
C THR A 189 5.35 -10.39 -18.68
N ALA A 190 6.65 -10.21 -18.41
CA ALA A 190 7.56 -9.65 -19.40
C ALA A 190 8.49 -10.71 -19.98
N GLY A 191 8.22 -11.99 -19.72
CA GLY A 191 9.05 -13.07 -20.23
C GLY A 191 9.94 -13.64 -19.14
N ARG A 192 10.13 -14.97 -19.13
CA ARG A 192 10.87 -15.60 -18.04
C ARG A 192 12.30 -15.11 -18.00
N GLY A 193 12.69 -14.61 -16.84
CA GLY A 193 14.03 -14.19 -16.57
C GLY A 193 14.41 -12.82 -17.10
N ARG A 194 13.47 -12.10 -17.71
CA ARG A 194 13.82 -10.86 -18.37
C ARG A 194 13.85 -9.69 -17.40
N HIS A 195 14.73 -8.74 -17.69
CA HIS A 195 14.83 -7.53 -16.87
C HIS A 195 15.54 -6.49 -17.71
N TYR A 196 14.96 -5.29 -17.78
CA TYR A 196 15.48 -4.26 -18.67
C TYR A 196 14.86 -2.93 -18.25
N ARG A 197 15.36 -1.85 -18.86
CA ARG A 197 14.87 -0.54 -18.49
C ARG A 197 13.59 -0.14 -19.21
N LYS A 198 13.37 -0.62 -20.43
CA LYS A 198 12.20 -0.19 -21.19
C LYS A 198 11.94 -1.22 -22.27
N SER A 199 10.69 -1.29 -22.72
CA SER A 199 10.35 -2.19 -23.82
C SER A 199 9.07 -1.71 -24.48
N ALA A 200 8.99 -1.88 -25.80
CA ALA A 200 7.77 -1.71 -26.57
C ALA A 200 7.27 -3.05 -27.14
N ALA A 201 7.72 -4.18 -26.58
CA ALA A 201 7.44 -5.49 -27.17
C ALA A 201 6.06 -5.97 -26.76
N GLY A 202 5.09 -5.82 -27.66
CA GLY A 202 3.76 -6.32 -27.37
C GLY A 202 3.04 -5.42 -26.37
N TYR A 203 2.00 -5.96 -25.76
CA TYR A 203 1.25 -5.24 -24.73
C TYR A 203 1.94 -5.43 -23.39
N ASN A 204 2.00 -4.36 -22.60
CA ASN A 204 2.71 -4.42 -21.33
C ASN A 204 1.83 -5.17 -20.33
N LEU A 205 2.12 -6.44 -20.11
CA LEU A 205 1.33 -7.22 -19.18
C LEU A 205 1.71 -6.97 -17.73
N THR A 206 2.94 -6.53 -17.47
CA THR A 206 3.36 -6.31 -16.10
C THR A 206 2.46 -5.30 -15.42
N GLY A 207 2.16 -4.19 -16.11
CA GLY A 207 1.34 -3.15 -15.50
C GLY A 207 -0.07 -3.57 -15.20
N LEU A 208 -0.59 -4.55 -15.94
CA LEU A 208 -1.95 -5.03 -15.68
C LEU A 208 -2.04 -5.76 -14.37
N PHE A 209 -0.99 -6.50 -13.99
CA PHE A 209 -1.07 -7.28 -12.77
C PHE A 209 -0.65 -6.49 -11.53
N VAL A 210 0.11 -5.41 -11.68
CA VAL A 210 0.34 -4.51 -10.56
C VAL A 210 -0.98 -3.85 -10.20
N GLY A 211 -1.34 -3.88 -8.92
CA GLY A 211 -2.61 -3.30 -8.51
C GLY A 211 -3.83 -4.14 -8.84
N SER A 212 -3.66 -5.44 -9.10
CA SER A 212 -4.80 -6.28 -9.39
C SER A 212 -5.36 -6.95 -8.14
N GLU A 213 -4.68 -6.85 -6.99
CA GLU A 213 -5.25 -7.21 -5.68
C GLU A 213 -5.62 -8.69 -5.59
N GLY A 214 -4.96 -9.55 -6.35
CA GLY A 214 -5.29 -10.96 -6.28
C GLY A 214 -6.53 -11.38 -7.03
N THR A 215 -7.09 -10.50 -7.86
CA THR A 215 -8.28 -10.85 -8.65
C THR A 215 -7.95 -11.32 -10.06
N LEU A 216 -6.68 -11.27 -10.48
CA LEU A 216 -6.28 -11.69 -11.82
C LEU A 216 -5.32 -12.86 -11.80
N GLY A 217 -4.82 -13.26 -10.64
CA GLY A 217 -3.82 -14.30 -10.57
C GLY A 217 -2.99 -14.11 -9.32
N ILE A 218 -2.09 -15.06 -9.11
CA ILE A 218 -1.29 -15.14 -7.89
C ILE A 218 0.15 -14.77 -8.23
N ILE A 219 0.66 -13.69 -7.64
CA ILE A 219 2.04 -13.28 -7.90
C ILE A 219 2.97 -14.16 -7.08
N THR A 220 3.80 -14.95 -7.74
CA THR A 220 4.72 -15.83 -7.03
C THR A 220 6.16 -15.34 -7.08
N SER A 221 6.45 -14.33 -7.89
CA SER A 221 7.71 -13.60 -7.71
C SER A 221 7.55 -12.23 -8.37
N THR A 222 8.37 -11.29 -7.91
CA THR A 222 8.40 -9.95 -8.46
C THR A 222 9.83 -9.57 -8.78
N THR A 223 10.08 -9.06 -9.98
CA THR A 223 11.38 -8.50 -10.31
C THR A 223 11.34 -7.01 -10.04
N LEU A 224 12.22 -6.55 -9.14
CA LEU A 224 12.18 -5.18 -8.63
C LEU A 224 13.36 -4.36 -9.13
N ARG A 225 13.11 -3.09 -9.43
CA ARG A 225 14.17 -2.12 -9.65
C ARG A 225 14.81 -1.72 -8.32
N LEU A 226 16.14 -1.82 -8.25
CA LEU A 226 16.90 -1.30 -7.12
C LEU A 226 17.48 0.08 -7.45
N HIS A 227 17.81 0.82 -6.40
CA HIS A 227 18.32 2.18 -6.54
C HIS A 227 19.63 2.34 -5.78
N PRO A 228 20.50 3.22 -6.25
CA PRO A 228 21.73 3.51 -5.50
C PRO A 228 21.41 4.19 -4.17
N ALA A 229 22.10 3.78 -3.11
CA ALA A 229 21.94 4.47 -1.84
C ALA A 229 22.41 5.92 -1.99
N PRO A 230 21.74 6.88 -1.35
CA PRO A 230 22.13 8.28 -1.50
C PRO A 230 23.50 8.54 -0.88
N GLU A 231 24.24 9.47 -1.50
CA GLU A 231 25.56 9.81 -0.99
C GLU A 231 25.47 10.36 0.43
N ALA A 232 24.50 11.26 0.67
CA ALA A 232 24.28 11.82 1.98
C ALA A 232 22.78 12.05 2.16
N THR A 233 22.35 12.07 3.42
CA THR A 233 20.94 12.14 3.78
C THR A 233 20.77 13.14 4.92
N VAL A 234 19.73 13.97 4.83
CA VAL A 234 19.32 14.87 5.90
C VAL A 234 17.81 14.78 6.06
N ALA A 235 17.35 14.55 7.29
CA ALA A 235 15.93 14.55 7.60
C ALA A 235 15.62 15.70 8.56
N ALA A 236 14.41 16.20 8.49
CA ALA A 236 14.02 17.29 9.39
C ALA A 236 12.51 17.31 9.56
N THR A 237 12.06 18.00 10.60
CA THR A 237 10.63 18.29 10.73
C THR A 237 10.42 19.79 10.73
N CYS A 238 9.24 20.21 10.31
CA CYS A 238 8.92 21.61 10.20
C CYS A 238 7.48 21.81 10.62
N ALA A 239 7.26 22.65 11.63
CA ALA A 239 5.94 22.90 12.19
C ALA A 239 5.34 24.15 11.59
N PHE A 240 4.04 24.11 11.32
CA PHE A 240 3.31 25.18 10.66
C PHE A 240 2.17 25.69 11.51
N PRO A 241 1.75 26.94 11.27
CA PRO A 241 0.62 27.50 12.04
C PRO A 241 -0.72 26.94 11.63
N SER A 242 -0.84 26.31 10.47
CA SER A 242 -2.13 25.87 9.96
C SER A 242 -1.90 24.77 8.94
N VAL A 243 -2.97 23.99 8.73
CA VAL A 243 -2.96 22.99 7.66
C VAL A 243 -2.74 23.68 6.31
N GLN A 244 -3.47 24.77 6.07
CA GLN A 244 -3.28 25.54 4.84
C GLN A 244 -1.81 25.85 4.59
N ALA A 245 -1.10 26.32 5.62
CA ALA A 245 0.30 26.72 5.43
C ALA A 245 1.18 25.53 5.09
N ALA A 246 0.95 24.38 5.72
CA ALA A 246 1.78 23.21 5.46
C ALA A 246 1.54 22.69 4.04
N VAL A 247 0.29 22.69 3.60
CA VAL A 247 -0.01 22.11 2.29
C VAL A 247 0.38 23.08 1.18
N ASP A 248 0.18 24.38 1.39
CA ASP A 248 0.70 25.36 0.43
C ASP A 248 2.22 25.22 0.26
N SER A 249 2.95 25.04 1.37
CA SER A 249 4.39 24.81 1.26
C SER A 249 4.68 23.58 0.41
N THR A 250 3.95 22.50 0.67
CA THR A 250 4.15 21.27 -0.11
C THR A 250 3.97 21.56 -1.61
N VAL A 251 2.85 22.18 -1.98
CA VAL A 251 2.59 22.43 -3.39
C VAL A 251 3.70 23.29 -3.99
N GLN A 252 4.14 24.30 -3.24
CA GLN A 252 5.14 25.20 -3.77
C GLN A 252 6.52 24.54 -3.87
N ILE A 253 6.82 23.62 -2.97
CA ILE A 253 8.07 22.87 -3.07
C ILE A 253 8.07 22.01 -4.33
N LEU A 254 6.95 21.35 -4.62
CA LEU A 254 6.86 20.52 -5.83
C LEU A 254 6.90 21.38 -7.09
N GLN A 255 6.21 22.53 -7.08
CA GLN A 255 6.20 23.37 -8.27
C GLN A 255 7.57 24.00 -8.51
N ALA A 256 8.36 24.18 -7.46
CA ALA A 256 9.73 24.65 -7.57
C ALA A 256 10.69 23.54 -7.97
N ALA A 257 10.19 22.32 -8.13
CA ALA A 257 10.96 21.19 -8.64
C ALA A 257 12.10 20.79 -7.69
N VAL A 258 11.96 21.04 -6.39
CA VAL A 258 12.97 20.55 -5.47
C VAL A 258 12.84 19.03 -5.42
N PRO A 259 13.91 18.27 -5.69
CA PRO A 259 13.80 16.80 -5.73
C PRO A 259 13.85 16.17 -4.35
N VAL A 260 12.90 16.57 -3.49
CA VAL A 260 12.86 16.06 -2.11
C VAL A 260 12.68 14.55 -2.12
N ALA A 261 13.32 13.87 -1.16
CA ALA A 261 13.25 12.42 -1.11
C ALA A 261 11.98 11.94 -0.40
N ARG A 262 11.55 12.70 0.61
CA ARG A 262 10.39 12.41 1.42
C ARG A 262 9.74 13.74 1.78
N ILE A 263 8.42 13.81 1.65
CA ILE A 263 7.70 14.97 2.18
C ILE A 263 6.34 14.47 2.68
N GLU A 264 6.21 14.35 4.00
CA GLU A 264 5.07 13.72 4.64
C GLU A 264 4.35 14.71 5.53
N PHE A 265 3.02 14.70 5.46
CA PHE A 265 2.20 15.59 6.27
C PHE A 265 1.56 14.86 7.44
N LEU A 266 1.59 15.49 8.61
CA LEU A 266 0.81 15.07 9.77
C LEU A 266 0.05 16.28 10.27
N ASP A 267 -1.26 16.14 10.48
CA ASP A 267 -1.97 17.23 11.13
C ASP A 267 -1.68 17.21 12.62
N ASP A 268 -2.21 18.19 13.36
CA ASP A 268 -1.81 18.30 14.76
C ASP A 268 -2.29 17.09 15.57
N VAL A 269 -3.45 16.52 15.23
CA VAL A 269 -3.93 15.32 15.92
C VAL A 269 -2.96 14.18 15.69
N MET A 270 -2.55 13.98 14.44
CA MET A 270 -1.62 12.91 14.11
C MET A 270 -0.26 13.13 14.75
N MET A 271 0.19 14.39 14.81
CA MET A 271 1.50 14.64 15.38
C MET A 271 1.49 14.32 16.86
N ASP A 272 0.43 14.71 17.56
CA ASP A 272 0.28 14.37 18.97
C ASP A 272 0.20 12.86 19.16
N ALA A 273 -0.60 12.18 18.32
CA ALA A 273 -0.67 10.71 18.40
C ALA A 273 0.71 10.08 18.26
N CYS A 274 1.48 10.51 17.26
CA CYS A 274 2.81 9.94 17.06
C CYS A 274 3.74 10.28 18.21
N ASN A 275 3.62 11.48 18.78
CA ASN A 275 4.42 11.81 19.95
C ASN A 275 4.17 10.80 21.07
N ARG A 276 2.90 10.49 21.33
CA ARG A 276 2.56 9.62 22.45
C ARG A 276 2.89 8.16 22.18
N HIS A 277 3.05 7.77 20.91
CA HIS A 277 3.30 6.39 20.55
C HIS A 277 4.78 6.08 20.31
N SER A 278 5.64 7.09 20.29
CA SER A 278 7.03 6.91 19.87
C SER A 278 8.04 7.71 20.68
N LYS A 279 7.61 8.57 21.58
CA LYS A 279 8.50 9.47 22.30
C LYS A 279 9.41 10.27 21.35
N LEU A 280 8.92 10.53 20.13
CA LEU A 280 9.17 11.84 19.56
C LEU A 280 8.55 12.89 20.47
N ASN A 281 9.03 14.12 20.38
CA ASN A 281 8.43 15.21 21.13
C ASN A 281 8.34 16.45 20.25
N CYS A 282 7.77 16.27 19.06
CA CYS A 282 7.63 17.40 18.16
C CYS A 282 6.57 18.35 18.69
N PRO A 283 6.71 19.65 18.42
CA PRO A 283 5.61 20.58 18.67
C PRO A 283 4.31 20.07 18.06
N VAL A 284 3.23 20.11 18.84
CA VAL A 284 1.93 19.60 18.38
C VAL A 284 1.33 20.66 17.45
N ALA A 285 1.37 20.38 16.16
CA ALA A 285 1.07 21.33 15.09
C ALA A 285 1.03 20.55 13.78
N PRO A 286 0.33 21.06 12.78
CA PRO A 286 0.47 20.49 11.43
C PRO A 286 1.94 20.57 11.01
N THR A 287 2.48 19.43 10.57
CA THR A 287 3.92 19.24 10.49
C THR A 287 4.28 18.56 9.18
N LEU A 288 5.41 18.95 8.59
CA LEU A 288 6.02 18.18 7.52
C LEU A 288 7.23 17.43 8.06
N PHE A 289 7.30 16.13 7.76
CA PHE A 289 8.54 15.37 7.86
C PHE A 289 9.20 15.41 6.49
N LEU A 290 10.45 15.82 6.43
CA LEU A 290 11.17 15.98 5.17
C LEU A 290 12.45 15.16 5.18
N GLU A 291 12.83 14.69 3.99
CA GLU A 291 14.16 14.09 3.85
C GLU A 291 14.73 14.48 2.50
N PHE A 292 16.04 14.73 2.46
CA PHE A 292 16.75 15.20 1.28
C PHE A 292 17.93 14.26 1.03
N HIS A 293 18.14 13.93 -0.24
CA HIS A 293 19.21 13.05 -0.67
C HIS A 293 20.12 13.79 -1.64
N GLY A 294 21.43 13.63 -1.46
CA GLY A 294 22.36 14.11 -2.48
C GLY A 294 23.78 14.19 -1.92
N SER A 295 24.62 14.92 -2.64
CA SER A 295 25.93 15.28 -2.11
C SER A 295 25.80 16.47 -1.17
N GLN A 296 26.91 16.84 -0.52
CA GLN A 296 26.89 18.00 0.35
C GLN A 296 26.50 19.26 -0.41
N GLN A 297 27.04 19.44 -1.62
CA GLN A 297 26.68 20.60 -2.42
C GLN A 297 25.18 20.62 -2.75
N THR A 298 24.65 19.49 -3.23
CA THR A 298 23.25 19.46 -3.65
C THR A 298 22.32 19.61 -2.45
N LEU A 299 22.69 19.00 -1.31
CA LEU A 299 21.84 19.09 -0.12
C LEU A 299 21.69 20.54 0.35
N ALA A 300 22.80 21.27 0.41
CA ALA A 300 22.74 22.65 0.89
C ALA A 300 21.84 23.50 0.00
N GLU A 301 21.88 23.25 -1.30
CA GLU A 301 21.05 23.99 -2.23
C GLU A 301 19.58 23.62 -2.08
N GLN A 302 19.28 22.32 -1.98
CA GLN A 302 17.90 21.89 -1.77
C GLN A 302 17.36 22.47 -0.47
N LEU A 303 18.13 22.36 0.62
CA LEU A 303 17.68 22.87 1.91
C LEU A 303 17.39 24.36 1.84
N GLN A 304 18.24 25.13 1.16
CA GLN A 304 18.05 26.57 1.08
C GLN A 304 16.78 26.93 0.33
N ARG A 305 16.53 26.26 -0.80
CA ARG A 305 15.31 26.54 -1.55
C ARG A 305 14.06 26.07 -0.79
N THR A 306 14.17 24.95 -0.07
CA THR A 306 13.01 24.42 0.64
C THR A 306 12.70 25.23 1.89
N GLU A 307 13.74 25.62 2.63
CA GLU A 307 13.51 26.49 3.80
C GLU A 307 12.91 27.82 3.39
N ALA A 308 13.33 28.37 2.24
CA ALA A 308 12.78 29.64 1.79
C ALA A 308 11.29 29.55 1.56
N ILE A 309 10.83 28.42 1.02
CA ILE A 309 9.41 28.24 0.75
C ILE A 309 8.64 28.03 2.05
N THR A 310 9.14 27.15 2.92
CA THR A 310 8.43 26.91 4.18
C THR A 310 8.41 28.18 5.02
N GLN A 311 9.51 28.93 5.02
CA GLN A 311 9.51 30.23 5.72
C GLN A 311 8.41 31.16 5.21
N ASP A 312 8.22 31.22 3.89
CA ASP A 312 7.16 32.04 3.31
C ASP A 312 5.79 31.72 3.91
N ASN A 313 5.57 30.48 4.31
CA ASN A 313 4.29 30.02 4.81
C ASN A 313 4.30 29.78 6.33
N GLY A 314 5.24 30.40 7.04
CA GLY A 314 5.22 30.32 8.48
C GLY A 314 5.81 29.07 9.08
N GLY A 315 6.52 28.26 8.29
CA GLY A 315 7.18 27.09 8.86
C GLY A 315 8.28 27.46 9.83
N SER A 316 8.45 26.60 10.84
CA SER A 316 9.54 26.76 11.79
C SER A 316 10.88 26.52 11.12
N HIS A 317 11.94 26.95 11.79
CA HIS A 317 13.27 26.50 11.40
C HIS A 317 13.30 24.98 11.50
N PHE A 318 13.97 24.35 10.55
CA PHE A 318 13.97 22.89 10.48
C PHE A 318 14.55 22.31 11.76
N SER A 319 13.85 21.32 12.33
CA SER A 319 14.38 20.53 13.42
C SER A 319 15.08 19.31 12.84
N TRP A 320 16.40 19.27 12.96
CA TRP A 320 17.18 18.28 12.23
C TRP A 320 17.20 16.94 12.94
N ALA A 321 17.18 15.87 12.15
CA ALA A 321 17.48 14.52 12.58
C ALA A 321 18.70 14.13 11.77
N ALA A 324 22.33 8.60 12.63
CA ALA A 324 21.46 7.63 11.97
C ALA A 324 20.25 7.29 12.82
N GLU A 325 20.37 7.28 14.15
CA GLU A 325 19.28 6.75 14.95
C GLU A 325 18.07 7.65 14.92
N LYS A 326 18.34 8.98 14.85
CA LYS A 326 17.27 9.96 14.99
C LYS A 326 16.39 10.01 13.75
N ARG A 327 16.96 9.92 12.53
CA ARG A 327 16.10 9.76 11.38
C ARG A 327 15.37 8.42 11.43
N ASN A 328 16.05 7.37 11.90
CA ASN A 328 15.39 6.08 12.01
C ASN A 328 14.20 6.15 12.96
N GLU A 329 14.37 6.83 14.10
CA GLU A 329 13.25 7.07 15.01
C GLU A 329 12.16 7.89 14.34
N LEU A 330 12.56 8.93 13.61
CA LEU A 330 11.58 9.80 12.95
C LEU A 330 10.72 9.00 11.98
N TRP A 331 11.36 8.27 11.06
CA TRP A 331 10.55 7.55 10.07
C TRP A 331 9.88 6.32 10.64
N ALA A 332 10.42 5.72 11.71
CA ALA A 332 9.69 4.64 12.36
C ALA A 332 8.38 5.16 12.95
N ALA A 333 8.42 6.36 13.53
CA ALA A 333 7.19 6.95 14.06
C ALA A 333 6.19 7.22 12.95
N ARG A 334 6.66 7.77 11.82
CA ARG A 334 5.78 8.00 10.69
C ARG A 334 5.20 6.69 10.18
N HIS A 335 6.05 5.68 10.03
CA HIS A 335 5.55 4.40 9.52
C HIS A 335 4.51 3.79 10.43
N ASN A 336 4.57 4.07 11.74
CA ASN A 336 3.61 3.52 12.69
C ASN A 336 2.45 4.47 12.99
N ALA A 337 2.26 5.51 12.17
CA ALA A 337 1.21 6.48 12.43
C ALA A 337 -0.15 5.83 12.58
N TRP A 338 -0.44 4.82 11.75
CA TRP A 338 -1.71 4.11 11.86
C TRP A 338 -1.93 3.58 13.26
N TYR A 339 -0.91 2.91 13.83
CA TYR A 339 -1.06 2.36 15.17
C TYR A 339 -1.07 3.45 16.24
N ALA A 340 -0.33 4.53 16.01
CA ALA A 340 -0.39 5.68 16.92
C ALA A 340 -1.79 6.24 17.00
N ALA A 341 -2.48 6.31 15.85
CA ALA A 341 -3.86 6.78 15.83
C ALA A 341 -4.78 5.82 16.56
N LEU A 342 -4.62 4.51 16.34
CA LEU A 342 -5.45 3.54 17.05
C LEU A 342 -5.22 3.61 18.55
N ALA A 343 -3.98 3.83 18.97
CA ALA A 343 -3.66 3.89 20.40
C ALA A 343 -4.34 5.06 21.09
N LEU A 344 -4.80 6.06 20.36
CA LEU A 344 -5.51 7.19 20.97
C LEU A 344 -6.79 6.73 21.66
N SER A 345 -7.60 5.93 20.98
CA SER A 345 -8.74 5.30 21.63
C SER A 345 -8.53 3.78 21.64
N PRO A 346 -8.05 3.21 22.74
CA PRO A 346 -7.70 1.78 22.73
C PRO A 346 -8.91 0.89 22.51
N GLY A 347 -8.65 -0.29 21.97
CA GLY A 347 -9.70 -1.18 21.51
C GLY A 347 -10.33 -0.83 20.17
N SER A 348 -10.15 0.41 19.73
CA SER A 348 -10.84 0.87 18.53
C SER A 348 -10.24 0.24 17.28
N LYS A 349 -11.06 0.16 16.24
CA LYS A 349 -10.58 -0.06 14.90
C LYS A 349 -10.76 1.25 14.14
N ALA A 350 -10.44 1.23 12.85
CA ALA A 350 -10.51 2.47 12.09
C ALA A 350 -10.62 2.15 10.61
N TYR A 351 -11.23 3.07 9.88
CA TYR A 351 -11.21 3.08 8.43
C TYR A 351 -10.21 4.15 7.98
N SER A 352 -9.65 3.95 6.79
CA SER A 352 -8.73 4.90 6.19
C SER A 352 -9.19 5.25 4.79
N THR A 353 -9.22 6.54 4.48
CA THR A 353 -9.37 7.00 3.12
C THR A 353 -7.98 7.16 2.49
N ASP A 354 -7.93 7.50 1.20
CA ASP A 354 -6.70 7.42 0.43
C ASP A 354 -6.76 8.22 -0.86
N VAL A 355 -7.47 9.36 -0.88
CA VAL A 355 -7.66 10.03 -2.16
C VAL A 355 -6.35 10.63 -2.65
N CYS A 356 -6.27 10.83 -3.97
CA CYS A 356 -5.12 11.46 -4.58
C CYS A 356 -5.63 12.43 -5.64
N VAL A 357 -5.23 13.68 -5.57
CA VAL A 357 -5.80 14.72 -6.44
C VAL A 357 -4.65 15.42 -7.18
N PRO A 358 -4.96 16.12 -8.27
CA PRO A 358 -3.96 17.01 -8.88
C PRO A 358 -3.38 17.91 -7.80
N ILE A 359 -2.06 18.10 -7.80
CA ILE A 359 -1.43 18.73 -6.64
C ILE A 359 -1.95 20.13 -6.39
N SER A 360 -2.33 20.85 -7.44
CA SER A 360 -2.79 22.21 -7.17
C SER A 360 -4.11 22.23 -6.41
N ARG A 361 -4.87 21.13 -6.42
CA ARG A 361 -6.13 21.03 -5.70
C ARG A 361 -5.95 20.45 -4.30
N LEU A 362 -4.72 20.07 -3.91
CA LEU A 362 -4.49 19.44 -2.61
C LEU A 362 -4.82 20.36 -1.44
N PRO A 363 -4.40 21.64 -1.47
CA PRO A 363 -4.78 22.52 -0.34
C PRO A 363 -6.28 22.59 -0.15
N GLU A 364 -7.05 22.77 -1.22
CA GLU A 364 -8.50 22.90 -1.06
C GLU A 364 -9.09 21.67 -0.40
N ILE A 365 -8.76 20.48 -0.91
CA ILE A 365 -9.44 19.30 -0.38
C ILE A 365 -8.91 18.95 1.00
N LEU A 366 -7.64 19.21 1.27
CA LEU A 366 -7.20 18.70 2.55
C LEU A 366 -7.64 19.67 3.65
N VAL A 367 -7.75 20.97 3.34
CA VAL A 367 -8.30 21.91 4.31
C VAL A 367 -9.80 21.65 4.49
N GLU A 368 -10.50 21.37 3.39
CA GLU A 368 -11.92 21.05 3.48
C GLU A 368 -12.15 19.81 4.32
N THR A 369 -11.25 18.83 4.23
CA THR A 369 -11.41 17.60 5.01
C THR A 369 -11.29 17.90 6.51
N LYS A 370 -10.29 18.69 6.86
CA LYS A 370 -10.11 19.14 8.23
C LYS A 370 -11.36 19.85 8.73
N GLU A 371 -11.92 20.76 7.92
CA GLU A 371 -13.13 21.46 8.33
C GLU A 371 -14.30 20.52 8.48
N GLU A 372 -14.40 19.53 7.58
CA GLU A 372 -15.51 18.59 7.65
C GLU A 372 -15.38 17.68 8.86
N ILE A 373 -14.17 17.26 9.19
CA ILE A 373 -13.95 16.49 10.41
C ILE A 373 -14.48 17.26 11.61
N LYS A 374 -14.14 18.56 11.67
CA LYS A 374 -14.54 19.38 12.81
C LYS A 374 -16.05 19.48 12.92
N ALA A 375 -16.74 19.67 11.80
CA ALA A 375 -18.17 19.92 11.80
C ALA A 375 -19.01 18.67 12.07
N SER A 376 -18.39 17.51 12.32
CA SER A 376 -19.12 16.28 12.55
C SER A 376 -18.73 15.67 13.90
N LYS A 377 -19.58 14.75 14.39
CA LYS A 377 -19.22 14.07 15.63
C LYS A 377 -18.11 13.04 15.44
N LEU A 378 -17.66 12.82 14.21
CA LEU A 378 -16.56 11.91 13.99
C LEU A 378 -15.25 12.54 14.45
N THR A 379 -14.33 11.69 14.89
CA THR A 379 -12.96 12.08 15.14
C THR A 379 -12.08 11.47 14.07
N GLY A 380 -10.97 12.13 13.79
CA GLY A 380 -10.11 11.69 12.72
C GLY A 380 -8.75 12.34 12.78
N ALA A 381 -7.76 11.67 12.21
CA ALA A 381 -6.42 12.21 12.06
C ALA A 381 -6.03 12.15 10.60
N ILE A 382 -5.17 13.07 10.17
CA ILE A 382 -4.75 13.13 8.77
C ILE A 382 -3.24 12.92 8.70
N VAL A 383 -2.82 12.00 7.83
CA VAL A 383 -1.42 11.80 7.56
C VAL A 383 -1.29 11.57 6.05
N GLY A 384 -0.16 11.93 5.46
CA GLY A 384 -0.17 11.68 4.04
C GLY A 384 1.05 11.90 3.19
N HIS A 385 1.12 11.11 2.11
CA HIS A 385 2.15 11.28 1.08
C HIS A 385 1.78 12.46 0.18
N VAL A 386 1.84 13.65 0.77
CA VAL A 386 1.33 14.83 0.09
C VAL A 386 2.20 15.25 -1.08
N GLY A 387 3.46 14.80 -1.14
CA GLY A 387 4.26 15.04 -2.33
C GLY A 387 3.66 14.44 -3.59
N ASP A 388 2.82 13.42 -3.44
CA ASP A 388 2.08 12.81 -4.55
C ASP A 388 0.68 13.37 -4.71
N GLY A 389 0.31 14.38 -3.92
CA GLY A 389 -1.08 14.82 -3.90
C GLY A 389 -2.02 13.88 -3.19
N ASN A 390 -1.51 13.06 -2.27
CA ASN A 390 -2.20 11.93 -1.68
C ASN A 390 -2.25 12.11 -0.17
N PHE A 391 -3.34 11.70 0.47
CA PHE A 391 -3.36 11.69 1.93
C PHE A 391 -4.39 10.68 2.43
N ALA A 392 -4.22 10.30 3.70
CA ALA A 392 -5.14 9.39 4.38
C ALA A 392 -5.86 10.12 5.51
N CYS A 393 -7.16 9.91 5.59
CA CYS A 393 -7.95 10.26 6.76
C CYS A 393 -8.17 8.98 7.57
N ILE A 394 -7.72 8.98 8.81
CA ILE A 394 -7.87 7.82 9.70
C ILE A 394 -9.06 8.08 10.60
N LEU A 395 -10.10 7.26 10.48
CA LEU A 395 -11.39 7.52 11.13
C LEU A 395 -11.70 6.39 12.09
N LEU A 396 -11.69 6.72 13.37
CA LEU A 396 -11.76 5.73 14.43
C LEU A 396 -13.21 5.25 14.51
N VAL A 397 -13.42 3.93 14.63
CA VAL A 397 -14.78 3.39 14.74
C VAL A 397 -14.88 2.45 15.92
N ASP A 398 -15.96 2.58 16.68
CA ASP A 398 -16.34 1.57 17.65
C ASP A 398 -16.90 0.38 16.87
N PRO A 399 -16.29 -0.81 16.98
CA PRO A 399 -16.77 -1.95 16.19
C PRO A 399 -18.22 -2.32 16.45
N ASP A 400 -18.80 -1.92 17.58
CA ASP A 400 -20.18 -2.26 17.90
C ASP A 400 -21.17 -1.13 17.61
N ASP A 401 -20.69 0.09 17.34
CA ASP A 401 -21.57 1.25 17.14
C ASP A 401 -21.88 1.37 15.66
N ALA A 402 -23.01 0.78 15.25
CA ALA A 402 -23.37 0.74 13.84
C ALA A 402 -23.81 2.12 13.34
N GLU A 403 -24.33 2.96 14.24
CA GLU A 403 -24.66 4.33 13.87
C GLU A 403 -23.41 5.10 13.47
N GLU A 404 -22.33 4.94 14.24
CA GLU A 404 -21.09 5.63 13.93
C GLU A 404 -20.46 5.08 12.67
N GLN A 405 -20.56 3.77 12.44
CA GLN A 405 -19.93 3.20 11.26
C GLN A 405 -20.55 3.74 9.98
N ARG A 406 -21.86 3.98 9.97
CA ARG A 406 -22.42 4.47 8.74
C ARG A 406 -22.24 5.99 8.57
N ARG A 407 -21.96 6.74 9.65
CA ARG A 407 -21.49 8.10 9.43
C ARG A 407 -20.05 8.09 8.90
N VAL A 408 -19.22 7.19 9.40
CA VAL A 408 -17.84 7.14 8.91
C VAL A 408 -17.82 6.71 7.45
N LYS A 409 -18.62 5.70 7.11
CA LYS A 409 -18.72 5.29 5.70
C LYS A 409 -19.23 6.43 4.84
N ALA A 410 -20.27 7.13 5.30
CA ALA A 410 -20.78 8.26 4.53
C ALA A 410 -19.72 9.34 4.36
N PHE A 411 -18.94 9.60 5.40
CA PHE A 411 -17.87 10.60 5.31
C PHE A 411 -16.80 10.18 4.31
N ALA A 412 -16.39 8.91 4.36
CA ALA A 412 -15.37 8.42 3.44
C ALA A 412 -15.83 8.49 2.00
N GLU A 413 -17.10 8.11 1.74
CA GLU A 413 -17.65 8.19 0.40
C GLU A 413 -17.72 9.63 -0.10
N ASN A 414 -18.09 10.56 0.79
CA ASN A 414 -18.20 11.95 0.38
C ASN A 414 -16.83 12.52 0.05
N LEU A 415 -15.82 12.19 0.87
CA LEU A 415 -14.45 12.60 0.56
C LEU A 415 -13.98 12.02 -0.77
N GLY A 416 -14.23 10.73 -0.98
CA GLY A 416 -13.87 10.14 -2.26
C GLY A 416 -14.53 10.85 -3.43
N ARG A 417 -15.81 11.18 -3.29
CA ARG A 417 -16.50 11.86 -4.38
C ARG A 417 -15.98 13.27 -4.59
N ARG A 418 -15.57 13.96 -3.51
CA ARG A 418 -14.97 15.27 -3.68
C ARG A 418 -13.67 15.17 -4.45
N ALA A 419 -12.85 14.14 -4.15
CA ALA A 419 -11.63 13.95 -4.92
C ALA A 419 -11.93 13.68 -6.39
N LEU A 420 -12.96 12.87 -6.68
CA LEU A 420 -13.30 12.62 -8.07
C LEU A 420 -13.76 13.90 -8.75
N ALA A 421 -14.46 14.77 -8.02
CA ALA A 421 -14.93 16.01 -8.61
C ALA A 421 -13.77 16.92 -9.00
N LEU A 422 -12.62 16.77 -8.34
CA LEU A 422 -11.43 17.57 -8.62
C LEU A 422 -10.53 16.93 -9.67
N GLY A 423 -10.98 15.86 -10.34
CA GLY A 423 -10.18 15.20 -11.35
C GLY A 423 -9.20 14.17 -10.82
N GLY A 424 -9.33 13.79 -9.55
CA GLY A 424 -8.42 12.87 -8.90
C GLY A 424 -8.94 11.45 -8.89
N THR A 425 -8.36 10.64 -7.99
CA THR A 425 -8.67 9.23 -7.90
C THR A 425 -9.08 8.91 -6.46
N CYS A 426 -9.92 7.89 -6.31
CA CYS A 426 -10.40 7.54 -4.96
C CYS A 426 -9.34 6.80 -4.14
N THR A 427 -8.25 6.35 -4.76
CA THR A 427 -7.20 5.68 -4.00
C THR A 427 -5.86 5.88 -4.68
N GLY A 428 -4.93 6.48 -3.96
CA GLY A 428 -3.60 6.67 -4.50
C GLY A 428 -2.73 5.43 -4.38
N GLU A 429 -3.00 4.56 -3.40
CA GLU A 429 -2.10 3.43 -3.20
C GLU A 429 -2.74 2.22 -2.52
N HIS A 430 -3.76 2.41 -1.66
CA HIS A 430 -4.26 1.28 -0.86
C HIS A 430 -5.04 0.28 -1.71
N GLY A 431 -5.76 0.76 -2.71
CA GLY A 431 -6.58 -0.10 -3.54
C GLY A 431 -8.06 0.01 -3.22
N ILE A 432 -8.81 -0.91 -3.83
CA ILE A 432 -10.26 -0.89 -3.81
C ILE A 432 -10.85 -1.92 -2.86
N GLY A 433 -10.38 -3.16 -2.95
CA GLY A 433 -10.89 -4.25 -2.11
C GLY A 433 -12.40 -4.30 -2.07
N LEU A 434 -12.95 -4.35 -0.86
CA LEU A 434 -14.39 -4.31 -0.67
C LEU A 434 -14.96 -2.92 -0.50
N GLY A 435 -14.12 -1.94 -0.19
CA GLY A 435 -14.63 -0.67 0.30
C GLY A 435 -14.88 0.42 -0.70
N LYS A 436 -14.18 0.41 -1.84
CA LYS A 436 -14.28 1.51 -2.79
C LYS A 436 -14.85 1.08 -4.14
N ARG A 437 -15.63 0.00 -4.18
CA ARG A 437 -16.08 -0.49 -5.48
C ARG A 437 -17.03 0.48 -6.16
N GLN A 438 -17.91 1.13 -5.38
CA GLN A 438 -18.82 2.09 -6.01
C GLN A 438 -18.06 3.32 -6.49
N LEU A 439 -17.07 3.77 -5.70
CA LEU A 439 -16.29 4.92 -6.14
C LEU A 439 -15.53 4.61 -7.42
N LEU A 440 -15.03 3.38 -7.56
CA LEU A 440 -14.32 3.02 -8.80
C LEU A 440 -15.25 3.11 -10.01
N GLN A 441 -16.49 2.64 -9.86
CA GLN A 441 -17.44 2.75 -10.96
C GLN A 441 -17.64 4.21 -11.38
N GLU A 442 -17.73 5.11 -10.40
CA GLU A 442 -17.89 6.52 -10.72
C GLU A 442 -16.64 7.09 -11.36
N GLU A 443 -15.48 6.60 -10.92
CA GLU A 443 -14.20 7.17 -11.35
C GLU A 443 -13.92 6.89 -12.82
N VAL A 444 -14.18 5.66 -13.29
CA VAL A 444 -13.81 5.31 -14.66
C VAL A 444 -15.02 5.17 -15.57
N GLY A 445 -16.24 5.23 -15.05
CA GLY A 445 -17.40 5.24 -15.89
C GLY A 445 -17.73 3.90 -16.50
N PRO A 446 -18.86 3.84 -17.22
CA PRO A 446 -19.34 2.55 -17.76
C PRO A 446 -18.37 1.86 -18.69
N VAL A 447 -17.68 2.59 -19.58
CA VAL A 447 -16.81 1.91 -20.52
C VAL A 447 -15.54 1.44 -19.82
N GLY A 448 -15.04 2.23 -18.86
CA GLY A 448 -13.93 1.77 -18.04
C GLY A 448 -14.26 0.53 -17.23
N VAL A 449 -15.44 0.51 -16.61
CA VAL A 449 -15.83 -0.66 -15.82
C VAL A 449 -15.95 -1.89 -16.71
N GLU A 450 -16.65 -1.76 -17.85
CA GLU A 450 -16.81 -2.93 -18.70
C GLU A 450 -15.47 -3.43 -19.19
N THR A 451 -14.56 -2.50 -19.54
CA THR A 451 -13.24 -2.92 -20.04
C THR A 451 -12.47 -3.66 -18.94
N MET A 452 -12.44 -3.09 -17.73
CA MET A 452 -11.80 -3.82 -16.63
C MET A 452 -12.44 -5.18 -16.41
N ARG A 453 -13.76 -5.26 -16.51
CA ARG A 453 -14.43 -6.52 -16.29
C ARG A 453 -14.10 -7.51 -17.40
N GLN A 454 -13.91 -7.02 -18.63
CA GLN A 454 -13.58 -7.94 -19.71
C GLN A 454 -12.19 -8.54 -19.50
N LEU A 455 -11.25 -7.76 -18.97
CA LEU A 455 -9.94 -8.30 -18.63
C LEU A 455 -10.04 -9.30 -17.49
N LYS A 456 -10.79 -8.94 -16.44
CA LYS A 456 -11.06 -9.89 -15.36
C LYS A 456 -11.62 -11.21 -15.91
N ASN A 457 -12.56 -11.13 -16.84
CA ASN A 457 -13.20 -12.35 -17.32
C ASN A 457 -12.27 -13.20 -18.17
N THR A 458 -11.35 -12.60 -18.93
CA THR A 458 -10.56 -13.51 -19.76
C THR A 458 -9.51 -14.24 -18.92
N LEU A 459 -9.03 -13.63 -17.85
CA LEU A 459 -8.06 -14.30 -16.99
C LEU A 459 -8.74 -15.19 -15.95
N ASP A 460 -9.96 -14.84 -15.53
CA ASP A 460 -10.68 -15.57 -14.48
C ASP A 460 -12.12 -15.83 -14.93
N PRO A 461 -12.31 -16.71 -15.93
CA PRO A 461 -13.67 -16.88 -16.47
C PRO A 461 -14.71 -17.26 -15.42
N ARG A 462 -14.35 -18.15 -14.49
CA ARG A 462 -15.31 -18.62 -13.50
C ARG A 462 -15.49 -17.68 -12.33
N GLY A 463 -14.76 -16.56 -12.29
CA GLY A 463 -14.92 -15.59 -11.23
C GLY A 463 -14.50 -16.10 -9.87
N LEU A 464 -13.53 -17.02 -9.82
CA LEU A 464 -13.09 -17.63 -8.57
C LEU A 464 -11.83 -17.01 -7.98
N MET A 465 -11.19 -16.08 -8.69
CA MET A 465 -9.98 -15.41 -8.24
C MET A 465 -10.34 -14.22 -7.36
N ASN A 466 -10.32 -14.42 -6.03
CA ASN A 466 -10.68 -13.43 -5.01
C ASN A 466 -11.99 -12.72 -5.33
N PRO A 467 -13.10 -13.45 -5.33
CA PRO A 467 -14.38 -12.84 -5.74
C PRO A 467 -14.83 -11.74 -4.79
N GLY A 468 -15.60 -10.80 -5.34
CA GLY A 468 -16.17 -9.74 -4.54
C GLY A 468 -15.29 -8.52 -4.36
N LYS A 469 -14.11 -8.49 -4.98
CA LYS A 469 -13.15 -7.42 -4.78
C LYS A 469 -12.93 -6.64 -6.07
N VAL A 470 -12.75 -5.33 -5.92
CA VAL A 470 -12.39 -4.38 -6.98
C VAL A 470 -13.58 -4.08 -7.90
N LEU A 471 -14.07 -5.11 -8.59
CA LEU A 471 -15.23 -4.96 -9.48
C LEU A 471 -16.49 -5.57 -8.87
PA FAD B . -2.61 -8.62 2.08
O1A FAD B . -3.53 -7.95 3.02
O2A FAD B . -2.10 -10.01 2.39
O5B FAD B . -3.30 -8.65 0.66
C5B FAD B . -3.71 -7.42 0.01
C4B FAD B . -4.41 -7.74 -1.29
O4B FAD B . -3.47 -8.25 -2.25
C3B FAD B . -5.51 -8.80 -1.19
O3B FAD B . -6.57 -8.52 -2.09
C2B FAD B . -4.76 -10.10 -1.53
O2B FAD B . -5.59 -11.09 -2.13
C1B FAD B . -3.76 -9.60 -2.57
N9A FAD B . -2.48 -10.31 -2.59
C8A FAD B . -1.53 -10.39 -1.60
N7A FAD B . -0.46 -11.06 -1.94
C5A FAD B . -0.68 -11.39 -3.27
C6A FAD B . 0.09 -12.11 -4.21
N6A FAD B . 1.30 -12.61 -3.98
N1A FAD B . -0.46 -12.29 -5.43
C2A FAD B . -1.67 -11.78 -5.70
N3A FAD B . -2.47 -11.10 -4.89
C4A FAD B . -1.93 -10.95 -3.67
N1 FAD B . 0.05 0.75 1.74
C2 FAD B . 0.58 1.64 0.86
O2 FAD B . 0.42 1.52 -0.37
N3 FAD B . 1.35 2.69 1.34
C4 FAD B . 1.65 2.95 2.68
O4 FAD B . 2.33 3.93 2.97
C4X FAD B . 1.07 1.98 3.60
N5 FAD B . 1.31 2.13 4.91
C5X FAD B . 0.75 1.21 5.79
C6 FAD B . 0.99 1.34 7.15
C7 FAD B . 0.45 0.44 8.06
C7M FAD B . 0.71 0.61 9.54
C8 FAD B . -0.34 -0.63 7.59
C8M FAD B . -0.93 -1.63 8.55
C9 FAD B . -0.57 -0.78 6.23
C9A FAD B . -0.04 0.14 5.32
N10 FAD B . -0.23 -0.01 3.93
C10 FAD B . 0.28 0.92 3.05
C1' FAD B . -1.13 -1.06 3.39
C2' FAD B . -0.46 -2.40 3.12
O2' FAD B . 0.71 -2.55 3.91
C3' FAD B . -0.15 -2.51 1.62
O3' FAD B . -1.37 -2.44 0.89
C4' FAD B . 0.58 -3.82 1.27
O4' FAD B . 0.93 -3.76 -0.11
C5' FAD B . -0.28 -5.03 1.56
O5' FAD B . 0.53 -6.22 1.40
P FAD B . 0.14 -7.54 2.14
O1P FAD B . 0.94 -8.71 1.57
O2P FAD B . 0.27 -7.35 3.63
O3P FAD B . -1.40 -7.64 1.74
CAA UIT C . 0.21 5.42 5.87
CAB UIT C . -0.99 4.51 5.66
CAC UIT C . -2.09 4.90 6.65
CAD UIT C . -3.28 3.95 6.53
CAE UIT C . -2.97 2.54 7.04
CAF UIT C . -4.22 1.69 6.86
CAG UIT C . -4.00 0.27 7.40
CAH UIT C . -5.35 -0.44 7.45
OAI UIT C . -1.40 4.71 4.33
OAJ UIT C . 0.96 5.28 6.87
OAK UIT C . 0.44 6.32 5.01
#